data_7VNW
#
_entry.id   7VNW
#
_cell.length_a   32.560
_cell.length_b   116.680
_cell.length_c   56.140
_cell.angle_alpha   90.000
_cell.angle_beta   101.340
_cell.angle_gamma   90.000
#
_symmetry.space_group_name_H-M   'P 1 21 1'
#
loop_
_entity.id
_entity.type
_entity.pdbx_description
1 polymer 'RNA (78-MER)'
2 water water
#
_entity_poly.entity_id   1
_entity_poly.type   'polyribonucleotide'
_entity_poly.pdbx_seq_one_letter_code
;GGGCC(4AC)GUC(2MG)UC(PSU)A(7SN)C(OMC)UGGUUAGGAC(M2G)CCGCC(OMC)U(OMU)ACAAGGCGGAGG
U(5MC)(5MC)UGGGU(PSU)(OMC)(7S3)(1MA)GUCCCAGCGGGCCCACCA
;
_entity_poly.pdbx_strand_id   A,B
#
loop_
_chem_comp.id
_chem_comp.type
_chem_comp.name
_chem_comp.formula
1MA RNA linking 6-HYDRO-1-METHYLADENOSINE-5'-MONOPHOSPHATE 'C11 H16 N5 O7 P'
2MG RNA linking 2N-METHYLGUANOSINE-5'-MONOPHOSPHATE 'C11 H16 N5 O8 P'
4AC RNA linking N(4)-ACETYLCYTIDINE-5'-MONOPHOSPHATE 'C11 H16 N3 O9 P'
5MC RNA linking 5-METHYLCYTIDINE-5'-MONOPHOSPHATE 'C10 H16 N3 O8 P'
7S3 RNA linking '[(2R,3S,4R,5R)-5-(1-methyl-6-oxidanylidene-purin-9-yl)-3,4-bis(oxidanyl)oxolan-2-yl]methyl dihydrogen phosphate' 'C11 H15 N4 O8 P'
7SN RNA linking '[(2R,3S,4R,5R)-5-(2-azanyl-5-carbamimidoyl-4-oxidanylidene-3H-pyrrolo[2,3-d]pyrimidin-7-yl)-3,4-bis(oxidanyl)oxolan-2-yl]methyl dihydrogen phosphate' 'C12 H17 N6 O8 P'
A RNA linking ADENOSINE-5'-MONOPHOSPHATE 'C10 H14 N5 O7 P'
C RNA linking CYTIDINE-5'-MONOPHOSPHATE 'C9 H14 N3 O8 P'
G RNA linking GUANOSINE-5'-MONOPHOSPHATE 'C10 H14 N5 O8 P'
M2G RNA linking N2-DIMETHYLGUANOSINE-5'-MONOPHOSPHATE 'C12 H18 N5 O8 P'
OMC RNA linking O2'-METHYLYCYTIDINE-5'-MONOPHOSPHATE 'C10 H16 N3 O8 P'
OMU RNA linking 'O2'-METHYLURIDINE 5'-MONOPHOSPHATE' 'C10 H15 N2 O9 P'
PSU RNA linking PSEUDOURIDINE-5'-MONOPHOSPHATE 'C9 H13 N2 O9 P'
U RNA linking URIDINE-5'-MONOPHOSPHATE 'C9 H13 N2 O9 P'
#
# COMPACT_ATOMS: atom_id res chain seq x y z
P 4AC A 6 19.72 -10.89 0.14
OP1 4AC A 6 19.20 -9.52 0.35
OP2 4AC A 6 19.79 -11.83 1.29
O5' 4AC A 6 18.88 -11.59 -1.02
C5' 4AC A 6 19.03 -11.22 -2.38
C4' 4AC A 6 18.83 -12.41 -3.29
O4' 4AC A 6 19.91 -13.36 -3.08
C3' 4AC A 6 17.56 -13.24 -3.10
O3' 4AC A 6 16.45 -12.70 -3.78
C2' 4AC A 6 17.96 -14.61 -3.65
O2' 4AC A 6 17.80 -14.63 -5.06
C1' 4AC A 6 19.45 -14.67 -3.34
N1 4AC A 6 19.78 -15.53 -2.18
C2 4AC A 6 19.75 -16.89 -2.39
O2 4AC A 6 19.42 -17.29 -3.50
N3 4AC A 6 20.07 -17.74 -1.39
C4 4AC A 6 20.40 -17.23 -0.22
N4 4AC A 6 20.71 -18.13 0.73
C5 4AC A 6 20.43 -15.82 0.01
C6 4AC A 6 20.13 -14.99 -0.99
C7 4AC A 6 21.27 -17.82 2.03
O7 4AC A 6 21.17 -16.74 2.57
CM7 4AC A 6 22.04 -18.95 2.74
P 2MG A 10 3.17 -19.31 -12.64
OP1 2MG A 10 1.88 -19.87 -13.11
OP2 2MG A 10 3.92 -20.02 -11.57
O5' 2MG A 10 4.09 -19.15 -13.93
C5' 2MG A 10 4.21 -20.23 -14.85
C4' 2MG A 10 5.10 -19.85 -16.00
O4' 2MG A 10 4.39 -18.99 -16.91
C3' 2MG A 10 6.35 -19.06 -15.62
O3' 2MG A 10 7.40 -19.91 -15.17
C2' 2MG A 10 6.66 -18.30 -16.91
O2' 2MG A 10 7.31 -19.14 -17.85
C1' 2MG A 10 5.25 -17.99 -17.43
N9 2MG A 10 4.74 -16.69 -16.97
C8 2MG A 10 3.75 -16.51 -16.04
N7 2MG A 10 3.46 -15.26 -15.83
C5 2MG A 10 4.32 -14.57 -16.66
C6 2MG A 10 4.47 -13.17 -16.85
O6 2MG A 10 3.85 -12.26 -16.29
N1 2MG A 10 5.45 -12.88 -17.79
C2 2MG A 10 6.20 -13.81 -18.45
N2 2MG A 10 7.11 -13.34 -19.32
CM2 2MG A 10 8.16 -14.22 -19.82
N3 2MG A 10 6.07 -15.12 -18.28
C4 2MG A 10 5.12 -15.43 -17.38
N1 PSU A 13 11.19 -12.16 -9.92
C2 PSU A 13 10.00 -11.71 -9.39
N3 PSU A 13 9.66 -10.38 -9.46
C4 PSU A 13 10.50 -9.48 -10.06
C5 PSU A 13 11.71 -9.94 -10.58
C6 PSU A 13 12.02 -11.29 -10.50
O2 PSU A 13 9.26 -12.54 -8.86
O4 PSU A 13 10.19 -8.29 -10.11
C1' PSU A 13 12.70 -9.06 -11.27
C2' PSU A 13 13.38 -8.07 -10.31
O2' PSU A 13 13.86 -6.96 -11.07
C3' PSU A 13 14.53 -8.90 -9.80
C4' PSU A 13 14.94 -9.70 -11.01
O3' PSU A 13 15.59 -8.12 -9.30
O4' PSU A 13 13.70 -9.95 -11.72
C5' PSU A 13 15.63 -11.00 -10.74
O5' PSU A 13 16.67 -11.22 -11.67
P PSU A 13 16.93 -12.66 -12.29
OP1 PSU A 13 18.39 -12.97 -12.28
OP2 PSU A 13 15.94 -13.29 -11.41
N3 7SN A 15 7.26 -7.94 -1.90
C4 7SN A 15 8.54 -7.80 -2.30
N2 7SN A 15 5.66 -9.54 -1.43
C7 7SN A 15 10.67 -8.21 -2.99
C6 7SN A 15 9.06 -10.15 -2.53
C8 7SN A 15 10.46 -6.92 -2.89
C2 7SN A 15 6.90 -9.22 -1.82
C5 7SN A 15 9.45 -8.79 -2.62
N1 7SN A 15 7.74 -10.26 -2.11
C1' 7SN A 15 8.61 -5.27 -2.27
C2' 7SN A 15 8.60 -4.87 -0.80
C3' 7SN A 15 9.87 -4.06 -0.68
C4' 7SN A 15 9.97 -3.37 -2.03
C5' 7SN A 15 11.36 -3.02 -2.49
CA7 7SN A 15 11.98 -8.74 -3.42
N71 7SN A 15 12.26 -10.05 -3.31
N72 7SN A 15 12.91 -7.92 -3.93
N9 7SN A 15 9.19 -6.61 -2.48
O2' 7SN A 15 7.46 -4.05 -0.57
O3' 7SN A 15 9.84 -3.14 0.42
O4' 7SN A 15 9.39 -4.33 -2.96
O5' 7SN A 15 12.18 -4.17 -2.52
O6 7SN A 15 9.72 -11.16 -2.75
OP1 7SN A 15 14.37 -3.00 -2.60
OP2 7SN A 15 14.22 -5.51 -3.09
P 7SN A 15 13.63 -4.15 -3.18
N1 OMC A 17 15.38 -2.28 5.46
C2 OMC A 17 16.02 -1.22 4.80
N3 OMC A 17 15.26 -0.24 4.27
C4 OMC A 17 13.93 -0.25 4.38
C5 OMC A 17 13.25 -1.30 5.06
C6 OMC A 17 14.00 -2.27 5.59
O2 OMC A 17 17.25 -1.23 4.70
N4 OMC A 17 13.26 0.77 3.85
C1' OMC A 17 16.23 -3.33 6.05
C2' OMC A 17 16.71 -2.94 7.45
O2' OMC A 17 17.93 -3.61 7.70
CM2 OMC A 17 19.17 -2.89 7.48
C3' OMC A 17 15.60 -3.53 8.31
C4' OMC A 17 15.35 -4.86 7.60
O4' OMC A 17 15.49 -4.54 6.19
O3' OMC A 17 15.92 -3.65 9.67
C5' OMC A 17 14.00 -5.50 7.86
O5' OMC A 17 12.93 -4.67 7.41
P OMC A 17 11.60 -5.31 6.83
OP1 OMC A 17 11.05 -6.27 7.82
OP2 OMC A 17 10.69 -4.24 6.36
P M2G A 28 5.61 -8.66 -25.09
OP1 M2G A 28 5.87 -8.42 -26.53
OP2 M2G A 28 4.58 -7.83 -24.41
O5' M2G A 28 5.20 -10.18 -24.82
C5' M2G A 28 6.14 -11.24 -24.85
C4' M2G A 28 5.66 -12.45 -24.08
O4' M2G A 28 5.71 -12.21 -22.65
C3' M2G A 28 4.22 -12.86 -24.31
O3' M2G A 28 4.04 -13.56 -25.52
C2' M2G A 28 3.93 -13.72 -23.09
O2' M2G A 28 4.44 -15.03 -23.27
C1' M2G A 28 4.74 -13.01 -22.01
N9 M2G A 28 3.87 -12.18 -21.16
C8 M2G A 28 3.68 -10.82 -21.10
N7 M2G A 28 2.79 -10.48 -20.21
C5 M2G A 28 2.36 -11.68 -19.65
C6 M2G A 28 1.40 -11.97 -18.63
O6 M2G A 28 0.70 -11.18 -17.99
N1 M2G A 28 1.28 -13.32 -18.39
C2 M2G A 28 1.99 -14.31 -19.04
N2 M2G A 28 1.73 -15.56 -18.64
N3 M2G A 28 2.89 -14.05 -19.98
C4 M2G A 28 3.02 -12.73 -20.23
CM1 M2G A 28 2.30 -16.71 -19.34
CM2 M2G A 28 0.88 -15.75 -17.49
N1 OMC A 34 -6.73 0.25 -32.54
C2 OMC A 34 -5.53 -0.44 -32.68
N3 OMC A 34 -5.55 -1.78 -32.84
C4 OMC A 34 -6.71 -2.42 -32.87
C5 OMC A 34 -7.95 -1.75 -32.73
C6 OMC A 34 -7.91 -0.43 -32.58
O2 OMC A 34 -4.49 0.22 -32.64
N4 OMC A 34 -6.70 -3.75 -33.02
C1' OMC A 34 -6.65 1.72 -32.42
C2' OMC A 34 -6.47 2.35 -33.80
O2' OMC A 34 -5.61 3.48 -33.71
CM2 OMC A 34 -5.00 3.97 -34.94
C3' OMC A 34 -7.89 2.75 -34.17
C4' OMC A 34 -8.52 3.09 -32.82
O4' OMC A 34 -7.86 2.21 -31.88
O3' OMC A 34 -7.95 3.82 -35.09
C5' OMC A 34 -10.01 2.89 -32.73
O5' OMC A 34 -10.36 1.51 -32.90
P OMC A 34 -11.87 1.02 -32.82
OP1 OMC A 34 -12.76 2.17 -33.15
OP2 OMC A 34 -11.97 -0.25 -33.58
N1 OMU A 36 -6.14 -1.44 -44.43
C2 OMU A 36 -5.53 -1.44 -45.66
N3 OMU A 36 -4.26 -0.90 -45.69
C4 OMU A 36 -3.58 -0.35 -44.62
C5 OMU A 36 -4.28 -0.36 -43.38
C6 OMU A 36 -5.51 -0.88 -43.33
O2 OMU A 36 -6.06 -1.91 -46.66
O4 OMU A 36 -2.44 0.10 -44.80
C1' OMU A 36 -7.51 -2.00 -44.37
C2' OMU A 36 -7.69 -3.12 -43.36
O2' OMU A 36 -8.51 -4.13 -43.91
CM2 OMU A 36 -7.72 -5.44 -44.00
C3' OMU A 36 -8.40 -2.40 -42.20
C4' OMU A 36 -9.18 -1.30 -42.89
O3' OMU A 36 -9.25 -3.27 -41.44
O4' OMU A 36 -8.41 -0.96 -44.07
C5' OMU A 36 -9.36 -0.03 -42.08
O5' OMU A 36 -8.33 0.90 -42.34
P OMU A 36 -7.76 1.88 -41.21
OP1 OMU A 36 -7.33 3.14 -41.85
OP2 OMU A 36 -8.75 1.93 -40.11
P 5MC A 50 2.83 -18.17 0.62
OP1 5MC A 50 2.42 -19.55 0.97
OP2 5MC A 50 3.70 -17.43 1.57
O5' 5MC A 50 3.50 -18.18 -0.83
C5' 5MC A 50 4.76 -18.81 -1.06
C4' 5MC A 50 5.72 -17.86 -1.70
O4' 5MC A 50 5.05 -16.61 -2.01
C3' 5MC A 50 6.94 -17.47 -0.86
O3' 5MC A 50 8.11 -17.38 -1.65
C2' 5MC A 50 6.51 -16.14 -0.24
O2' 5MC A 50 7.63 -15.32 0.04
C1' 5MC A 50 5.81 -15.54 -1.45
N1 5MC A 50 4.90 -14.42 -1.13
C2 5MC A 50 5.33 -13.12 -1.43
O2 5MC A 50 6.45 -12.97 -1.93
N3 5MC A 50 4.52 -12.09 -1.15
C4 5MC A 50 3.33 -12.29 -0.60
N4 5MC A 50 2.56 -11.23 -0.35
C5 5MC A 50 2.86 -13.60 -0.29
C6 5MC A 50 3.67 -14.63 -0.57
CM5 5MC A 50 1.48 -13.81 0.34
P 5MC A 51 9.56 -17.84 -1.09
OP1 5MC A 51 9.70 -17.37 0.30
OP2 5MC A 51 10.58 -17.48 -2.10
O5' 5MC A 51 9.48 -19.40 -0.96
C5' 5MC A 51 9.11 -20.23 -2.05
C4' 5MC A 51 9.60 -21.62 -1.82
O4' 5MC A 51 11.05 -21.63 -1.84
C3' 5MC A 51 9.25 -22.23 -0.47
O3' 5MC A 51 7.92 -22.76 -0.42
C2' 5MC A 51 10.34 -23.28 -0.28
O2' 5MC A 51 10.05 -24.45 -1.04
C1' 5MC A 51 11.55 -22.59 -0.94
N1 5MC A 51 12.46 -21.93 0.03
C2 5MC A 51 13.20 -22.66 0.96
O2 5MC A 51 13.07 -23.88 1.04
N3 5MC A 51 14.03 -22.01 1.82
C4 5MC A 51 14.14 -20.69 1.76
N4 5MC A 51 14.98 -20.10 2.62
C5 5MC A 51 13.41 -19.93 0.81
C6 5MC A 51 12.61 -20.57 -0.02
CM5 5MC A 51 13.53 -18.41 0.70
N1 PSU A 57 2.85 -14.60 17.07
C2 PSU A 57 2.45 -14.85 15.78
N3 PSU A 57 2.39 -13.84 14.85
C4 PSU A 57 2.78 -12.58 15.24
C5 PSU A 57 3.19 -12.31 16.58
C6 PSU A 57 3.21 -13.37 17.48
O2 PSU A 57 2.13 -15.98 15.48
O4 PSU A 57 2.69 -11.72 14.38
C1' PSU A 57 3.57 -10.95 17.12
C2' PSU A 57 2.33 -10.25 17.71
O2' PSU A 57 2.50 -8.84 17.54
C3' PSU A 57 2.47 -10.62 19.19
C4' PSU A 57 3.96 -10.50 19.39
O3' PSU A 57 1.70 -9.84 20.11
O4' PSU A 57 4.53 -11.05 18.16
C5' PSU A 57 4.52 -11.22 20.59
O5' PSU A 57 4.11 -12.56 20.60
P PSU A 57 4.78 -13.60 21.61
OP1 PSU A 57 4.81 -13.13 23.02
OP2 PSU A 57 4.17 -14.93 21.31
N1 OMC A 58 -2.14 -7.57 17.02
C2 OMC A 58 -2.29 -6.74 15.91
N3 OMC A 58 -1.36 -5.78 15.69
C4 OMC A 58 -0.33 -5.62 16.53
C5 OMC A 58 -0.15 -6.45 17.67
C6 OMC A 58 -1.09 -7.39 17.88
O2 OMC A 58 -3.27 -6.90 15.17
N4 OMC A 58 0.55 -4.67 16.26
C1' OMC A 58 -3.14 -8.62 17.34
C2' OMC A 58 -3.23 -9.75 16.30
O2' OMC A 58 -4.61 -10.13 16.19
CM2 OMC A 58 -5.14 -11.48 16.08
C3' OMC A 58 -2.34 -10.81 16.96
C4' OMC A 58 -2.63 -10.63 18.43
O4' OMC A 58 -2.79 -9.19 18.58
O3' OMC A 58 -2.50 -12.16 16.54
C5' OMC A 58 -1.56 -11.15 19.34
O5' OMC A 58 -0.80 -10.09 19.90
P OMC A 58 0.40 -10.43 20.87
OP1 OMC A 58 0.14 -9.70 22.12
OP2 OMC A 58 0.42 -11.91 20.88
C2 7S3 A 59 1.66 -5.90 12.12
C4 7S3 A 59 0.72 -7.66 13.01
C1' 7S3 A 59 -1.02 -9.33 12.20
C2' 7S3 A 59 -0.37 -10.34 11.25
C3' 7S3 A 59 -0.60 -11.63 12.01
C4' 7S3 A 59 -1.98 -11.43 12.59
C5 7S3 A 59 1.44 -7.55 14.18
C5' 7S3 A 59 -2.26 -12.29 13.78
C6 7S3 A 59 2.34 -6.44 14.26
C8 7S3 A 59 0.21 -9.24 14.43
CM1 7S3 A 59 3.30 -4.51 13.19
N1 7S3 A 59 2.40 -5.64 13.19
N3 7S3 A 59 0.78 -6.87 11.93
N7 7S3 A 59 1.12 -8.56 15.07
N9 7S3 A 59 -0.07 -8.77 13.17
O2' 7S3 A 59 -1.12 -10.37 10.04
O3' 7S3 A 59 -0.55 -12.79 11.20
O4' 7S3 A 59 -2.02 -10.02 12.93
O5' 7S3 A 59 -1.09 -12.45 14.56
O6 7S3 A 59 3.15 -6.14 15.36
OP1 7S3 A 59 -1.49 -14.42 15.91
OP2 7S3 A 59 -0.06 -12.57 16.88
P 7S3 A 59 -1.22 -12.97 16.04
P 1MA A 60 0.78 -13.67 11.14
OP1 1MA A 60 0.37 -14.89 10.38
OP2 1MA A 60 1.44 -13.75 12.48
O5' 1MA A 60 1.74 -12.82 10.19
C5' 1MA A 60 1.33 -12.38 8.90
C4' 1MA A 60 2.49 -12.45 7.95
O4' 1MA A 60 3.62 -11.73 8.53
C3' 1MA A 60 3.01 -13.86 7.69
O3' 1MA A 60 3.62 -13.87 6.41
C2' 1MA A 60 4.08 -14.02 8.74
O2' 1MA A 60 5.03 -15.01 8.46
C1' 1MA A 60 4.69 -12.61 8.73
N9 1MA A 60 5.37 -12.27 9.98
C8 1MA A 60 5.38 -12.97 11.15
N7 1MA A 60 6.10 -12.43 12.11
C5 1MA A 60 6.59 -11.28 11.52
C6 1MA A 60 7.41 -10.27 12.01
N6 1MA A 60 7.91 -10.23 13.24
N1 1MA A 60 7.73 -9.27 11.18
CM1 1MA A 60 8.57 -8.19 11.63
C2 1MA A 60 7.23 -9.28 9.93
N3 1MA A 60 6.44 -10.17 9.35
C4 1MA A 60 6.17 -11.17 10.21
P 4AC B 6 0.85 13.69 16.99
OP1 4AC B 6 0.72 12.31 16.45
OP2 4AC B 6 1.91 14.61 16.53
O5' 4AC B 6 -0.52 14.43 16.75
C5' 4AC B 6 -1.75 13.75 16.94
C4' 4AC B 6 -2.91 14.69 16.71
O4' 4AC B 6 -2.80 15.82 17.60
C3' 4AC B 6 -3.01 15.30 15.34
O3' 4AC B 6 -3.62 14.44 14.41
C2' 4AC B 6 -3.83 16.55 15.59
O2' 4AC B 6 -5.22 16.22 15.63
C1' 4AC B 6 -3.38 16.96 17.00
N1 4AC B 6 -2.38 18.04 17.00
C2 4AC B 6 -2.83 19.31 16.65
O2 4AC B 6 -4.00 19.41 16.35
N3 4AC B 6 -1.97 20.36 16.63
C4 4AC B 6 -0.70 20.18 16.96
N4 4AC B 6 0.05 21.29 16.94
C5 4AC B 6 -0.22 18.88 17.32
C6 4AC B 6 -1.07 17.86 17.35
C7 4AC B 6 1.47 21.37 17.28
O7 4AC B 6 2.15 20.38 17.51
CM7 4AC B 6 2.13 22.75 17.34
P 2MG B 10 -14.51 17.82 1.47
OP1 2MG B 10 -15.40 18.15 0.34
OP2 2MG B 10 -13.26 18.59 1.64
O5' 2MG B 10 -15.37 18.00 2.79
C5' 2MG B 10 -16.04 19.23 3.03
C4' 2MG B 10 -17.33 19.00 3.76
O4' 2MG B 10 -18.11 17.99 3.08
C3' 2MG B 10 -17.18 18.47 5.18
O3' 2MG B 10 -16.92 19.51 6.10
C2' 2MG B 10 -18.50 17.75 5.41
O2' 2MG B 10 -19.52 18.66 5.77
C1' 2MG B 10 -18.81 17.19 4.01
N9 2MG B 10 -18.41 15.78 3.82
C8 2MG B 10 -17.68 15.27 2.76
N7 2MG B 10 -17.50 13.98 2.81
C5 2MG B 10 -18.15 13.59 3.96
C6 2MG B 10 -18.29 12.30 4.53
O6 2MG B 10 -17.85 11.22 4.11
N1 2MG B 10 -19.04 12.34 5.71
C2 2MG B 10 -19.59 13.49 6.27
N2 2MG B 10 -20.28 13.32 7.42
CM2 2MG B 10 -21.08 14.39 7.98
N3 2MG B 10 -19.46 14.69 5.75
C4 2MG B 10 -18.73 14.68 4.60
N1 PSU B 13 -10.46 11.95 10.02
C2 PSU B 13 -9.99 11.16 9.00
N3 PSU B 13 -9.93 9.80 9.12
C4 PSU B 13 -10.36 9.20 10.28
C5 PSU B 13 -10.82 9.99 11.32
C6 PSU B 13 -10.87 11.37 11.16
O2 PSU B 13 -9.61 11.65 7.93
O4 PSU B 13 -10.29 7.98 10.37
C1' PSU B 13 -11.31 9.36 12.59
C2' PSU B 13 -10.17 8.65 13.31
O2' PSU B 13 -10.73 7.60 14.07
C3' PSU B 13 -9.67 9.77 14.22
C4' PSU B 13 -10.98 10.43 14.65
O3' PSU B 13 -8.88 9.32 15.31
O4' PSU B 13 -11.81 10.35 13.47
C5' PSU B 13 -10.87 11.86 15.09
O5' PSU B 13 -11.95 12.19 15.94
P PSU B 13 -12.38 13.71 16.17
OP1 PSU B 13 -12.27 13.92 17.63
OP2 PSU B 13 -11.70 14.68 15.28
N3 7SN B 15 -2.24 8.17 6.03
C4 7SN B 15 -2.58 8.33 7.33
N2 7SN B 15 -2.01 9.34 4.05
C7 7SN B 15 -3.21 9.22 9.32
C6 7SN B 15 -3.02 10.70 7.25
C8 7SN B 15 -2.98 7.94 9.45
C2 7SN B 15 -2.31 9.31 5.36
C5 7SN B 15 -2.95 9.48 7.98
N1 7SN B 15 -2.68 10.51 5.91
C1' 7SN B 15 -2.26 5.93 8.04
C2' 7SN B 15 -0.76 5.71 7.89
C3' 7SN B 15 -0.37 5.26 9.30
C4' 7SN B 15 -1.58 4.44 9.73
C5' 7SN B 15 -1.78 4.33 11.21
CA7 7SN B 15 -3.64 10.00 10.50
N71 7SN B 15 -3.75 11.34 10.40
N72 7SN B 15 -3.93 9.39 11.65
N9 7SN B 15 -2.59 7.34 8.28
O2' 7SN B 15 -0.54 4.66 6.95
O3' 7SN B 15 0.84 4.50 9.34
O4' 7SN B 15 -2.71 5.15 9.14
O5' 7SN B 15 -1.71 5.59 11.84
O6 7SN B 15 -3.34 11.82 7.64
OP1 7SN B 15 -1.81 5.14 14.29
OP2 7SN B 15 -2.68 7.36 13.33
P 7SN B 15 -2.49 5.89 13.20
N1 OMC B 17 6.64 4.98 13.59
C2 OMC B 17 6.46 3.84 14.41
N3 OMC B 17 6.06 2.65 13.86
C4 OMC B 17 5.84 2.59 12.56
C5 OMC B 17 6.00 3.73 11.71
C6 OMC B 17 6.40 4.87 12.25
O2 OMC B 17 6.68 3.95 15.61
N4 OMC B 17 5.45 1.43 12.03
C1' OMC B 17 7.07 6.24 14.21
C2' OMC B 17 8.57 6.25 14.50
O2' OMC B 17 8.80 6.98 15.70
CM2 OMC B 17 7.85 7.94 16.28
C3' OMC B 17 9.11 7.00 13.29
C4' OMC B 17 8.03 8.02 13.02
O4' OMC B 17 6.80 7.33 13.33
O3' OMC B 17 10.38 7.55 13.49
C5' OMC B 17 7.95 8.58 11.61
O5' OMC B 17 7.73 7.56 10.65
P OMC B 17 6.93 7.83 9.30
OP1 OMC B 17 7.66 8.78 8.48
OP2 OMC B 17 6.55 6.47 8.79
P M2G B 28 -25.77 6.88 7.87
OP1 M2G B 28 -27.14 6.74 8.43
OP2 M2G B 28 -25.16 5.75 7.12
O5' M2G B 28 -25.72 8.21 6.97
C5' M2G B 28 -25.90 9.48 7.56
C4' M2G B 28 -25.32 10.61 6.74
O4' M2G B 28 -23.88 10.62 6.78
C3' M2G B 28 -25.64 10.63 5.26
O3' M2G B 28 -26.96 11.05 5.00
C2' M2G B 28 -24.59 11.58 4.73
O2' M2G B 28 -24.95 12.92 4.98
C1' M2G B 28 -23.37 11.20 5.59
N9 M2G B 28 -22.53 10.21 4.89
C8 M2G B 28 -22.41 8.86 5.11
N7 M2G B 28 -21.60 8.29 4.27
C5 M2G B 28 -21.17 9.31 3.43
C6 M2G B 28 -20.30 9.29 2.32
O6 M2G B 28 -19.68 8.34 1.84
N1 M2G B 28 -20.15 10.55 1.76
C2 M2G B 28 -20.77 11.69 2.20
N2 M2G B 28 -20.50 12.81 1.53
N3 M2G B 28 -21.58 11.72 3.24
C4 M2G B 28 -21.74 10.51 3.80
CM1 M2G B 28 -21.28 14.01 1.78
CM2 M2G B 28 -19.41 12.85 0.59
N1 OMC B 34 -32.67 -6.44 -1.25
C2 OMC B 34 -32.72 -5.61 -0.12
N3 OMC B 34 -33.08 -4.32 -0.28
C4 OMC B 34 -33.37 -3.85 -1.50
C5 OMC B 34 -33.32 -4.67 -2.66
C6 OMC B 34 -32.97 -5.94 -2.48
O2 OMC B 34 -32.44 -6.10 0.98
N4 OMC B 34 -33.73 -2.57 -1.62
C1' OMC B 34 -32.28 -7.86 -1.09
C2' OMC B 34 -33.39 -8.72 -0.50
O2' OMC B 34 -32.79 -9.76 0.25
CM2 OMC B 34 -33.50 -10.47 1.29
C3' OMC B 34 -34.05 -9.27 -1.76
C4' OMC B 34 -32.85 -9.48 -2.68
O4' OMC B 34 -31.97 -8.38 -2.37
O3' OMC B 34 -34.78 -10.47 -1.55
C5' OMC B 34 -33.16 -9.48 -4.15
O5' OMC B 34 -33.79 -8.26 -4.53
P OMC B 34 -33.99 -7.90 -6.08
OP1 OMC B 34 -34.62 -9.06 -6.74
OP2 OMC B 34 -34.62 -6.55 -6.16
N1 OMU B 36 -42.59 -8.10 3.82
C2 OMU B 36 -42.88 -7.39 4.98
N3 OMU B 36 -42.10 -7.73 6.07
C4 OMU B 36 -41.08 -8.66 6.13
C5 OMU B 36 -40.85 -9.34 4.90
C6 OMU B 36 -41.59 -9.04 3.83
O2 OMU B 36 -43.74 -6.55 5.04
O4 OMU B 36 -40.47 -8.84 7.18
C1' OMU B 36 -43.37 -7.83 2.59
C2' OMU B 36 -42.75 -6.72 1.74
O2' OMU B 36 -43.79 -6.00 1.09
CM2 OMU B 36 -44.86 -5.61 2.11
C3' OMU B 36 -41.95 -7.53 0.72
C4' OMU B 36 -42.84 -8.75 0.50
O3' OMU B 36 -41.64 -6.82 -0.47
O4' OMU B 36 -43.42 -9.00 1.80
C5' OMU B 36 -42.14 -9.97 0.00
O5' OMU B 36 -40.77 -9.99 0.40
P OMU B 36 -40.23 -11.09 1.42
OP1 OMU B 36 -41.41 -11.58 2.19
OP2 OMU B 36 -39.42 -12.07 0.66
P 5MC B 50 -2.09 18.62 0.15
OP1 5MC B 50 -2.28 19.96 -0.44
OP2 5MC B 50 -0.73 18.06 0.20
O5' 5MC B 50 -2.75 18.61 1.59
C5' 5MC B 50 -4.09 18.22 1.82
C4' 5MC B 50 -4.19 17.41 3.08
O4' 5MC B 50 -4.30 16.02 2.73
C3' 5MC B 50 -3.01 17.51 4.04
O3' 5MC B 50 -3.43 17.58 5.40
C2' 5MC B 50 -2.24 16.23 3.79
O2' 5MC B 50 -1.70 15.79 5.02
C1' 5MC B 50 -3.38 15.29 3.46
N1 5MC B 50 -2.96 14.14 2.65
C2 5MC B 50 -2.78 12.93 3.27
O2 5MC B 50 -2.96 12.87 4.49
N3 5MC B 50 -2.41 11.85 2.56
C4 5MC B 50 -2.24 11.97 1.25
N4 5MC B 50 -1.89 10.87 0.57
C5 5MC B 50 -2.43 13.20 0.58
C6 5MC B 50 -2.79 14.26 1.30
CM5 5MC B 50 -2.22 13.30 -0.92
P 5MC B 51 -2.82 18.65 6.45
OP1 5MC B 51 -1.34 18.56 6.41
OP2 5MC B 51 -3.49 18.41 7.75
O5' 5MC B 51 -3.24 20.07 5.84
C5' 5MC B 51 -4.53 20.64 6.07
C4' 5MC B 51 -4.47 22.15 6.26
O4' 5MC B 51 -4.33 22.47 7.66
C3' 5MC B 51 -3.32 22.88 5.57
O3' 5MC B 51 -3.53 23.13 4.18
C2' 5MC B 51 -3.21 24.15 6.41
O2' 5MC B 51 -4.19 25.11 6.01
C1' 5MC B 51 -3.57 23.65 7.80
N1 5MC B 51 -2.36 23.33 8.60
C2 5MC B 51 -1.53 24.37 9.05
O2 5MC B 51 -1.81 25.53 8.77
N3 5MC B 51 -0.44 24.09 9.77
C4 5MC B 51 -0.15 22.82 10.06
N4 5MC B 51 0.95 22.57 10.76
C5 5MC B 51 -0.97 21.75 9.60
C6 5MC B 51 -2.05 22.04 8.88
CM5 5MC B 51 -0.63 20.28 9.92
N1 PSU B 57 14.97 17.54 -0.89
C2 PSU B 57 13.65 17.29 -1.21
N3 PSU B 57 13.08 16.06 -0.98
C4 PSU B 57 13.82 15.04 -0.43
C5 PSU B 57 15.16 15.27 -0.09
C6 PSU B 57 15.71 16.54 -0.34
O2 PSU B 57 12.96 18.17 -1.71
O4 PSU B 57 13.27 13.95 -0.24
C1' PSU B 57 16.02 14.15 0.49
C2' PSU B 57 16.55 13.38 -0.72
O2' PSU B 57 16.71 12.02 -0.35
C3' PSU B 57 17.91 14.03 -0.91
C4' PSU B 57 18.37 14.17 0.54
O3' PSU B 57 18.81 13.30 -1.72
O4' PSU B 57 17.15 14.57 1.23
C5' PSU B 57 19.47 15.16 0.79
O5' PSU B 57 19.13 16.46 0.34
P PSU B 57 19.92 17.74 0.85
OP1 PSU B 57 21.34 17.32 0.80
OP2 PSU B 57 19.41 18.90 0.09
N1 OMC B 58 16.37 10.41 -4.81
C2 OMC B 58 15.50 9.33 -4.59
N3 OMC B 58 15.67 8.57 -3.47
C4 OMC B 58 16.66 8.87 -2.62
C5 OMC B 58 17.56 9.96 -2.81
C6 OMC B 58 17.39 10.69 -3.92
O2 OMC B 58 14.60 9.07 -5.39
N4 OMC B 58 16.81 8.11 -1.52
C1' OMC B 58 16.28 11.26 -6.03
C2' OMC B 58 15.23 12.36 -5.96
O2' OMC B 58 14.69 12.53 -7.25
CM2 OMC B 58 13.46 11.86 -7.63
C3' OMC B 58 16.08 13.56 -5.53
C4' OMC B 58 17.39 13.32 -6.21
O4' OMC B 58 17.54 11.88 -6.20
O3' OMC B 58 15.56 14.82 -5.89
C5' OMC B 58 18.54 13.94 -5.48
O5' OMC B 58 18.30 13.87 -4.10
P OMC B 58 19.47 13.98 -3.04
OP1 OMC B 58 20.63 13.16 -3.48
OP2 OMC B 58 19.74 15.41 -2.76
C2 7S3 B 59 11.79 8.59 -0.96
C4 7S3 B 59 12.49 10.33 -2.13
C1' 7S3 B 59 11.49 11.73 -3.99
C2' 7S3 B 59 10.44 12.64 -3.35
C3' 7S3 B 59 10.95 14.01 -3.74
C4' 7S3 B 59 11.54 13.79 -5.12
C5 7S3 B 59 13.71 10.37 -1.46
C5' 7S3 B 59 12.62 14.74 -5.56
C6 7S3 B 59 13.90 9.41 -0.46
C8 7S3 B 59 13.77 11.96 -2.87
CM1 7S3 B 59 13.11 7.50 0.79
N1 7S3 B 59 12.92 8.52 -0.24
N3 7S3 B 59 11.49 9.45 -1.93
N7 7S3 B 59 14.50 11.41 -1.94
N9 7S3 B 59 12.55 11.36 -3.04
O2' 7S3 B 59 9.19 12.41 -3.99
O3' 7S3 B 59 9.93 14.98 -3.76
O4' 7S3 B 59 12.07 12.43 -5.06
O5' 7S3 B 59 13.52 15.02 -4.50
O6 7S3 B 59 15.05 9.28 0.32
OP1 7S3 B 59 14.60 17.07 -5.38
OP2 7S3 B 59 15.77 15.76 -3.55
P 7S3 B 59 14.90 15.75 -4.76
P 1MA B 60 9.41 15.73 -2.43
OP1 1MA B 60 8.27 16.55 -2.88
OP2 1MA B 60 10.54 16.38 -1.73
O5' 1MA B 60 8.82 14.58 -1.51
C5' 1MA B 60 7.53 14.04 -1.77
C4' 1MA B 60 6.70 13.94 -0.51
O4' 1MA B 60 7.52 13.43 0.57
C3' 1MA B 60 6.14 15.28 -0.01
O3' 1MA B 60 4.88 15.06 0.61
C2' 1MA B 60 7.16 15.69 1.05
O2' 1MA B 60 6.66 16.57 2.03
C1' 1MA B 60 7.55 14.35 1.65
N9 1MA B 60 8.87 14.35 2.27
C8 1MA B 60 9.92 15.22 2.09
N7 1MA B 60 10.96 14.97 2.83
C5 1MA B 60 10.58 13.83 3.57
C6 1MA B 60 11.23 13.03 4.54
N6 1MA B 60 12.48 13.22 5.00
N1 1MA B 60 10.54 11.99 5.04
CM1 1MA B 60 11.12 11.12 6.04
C2 1MA B 60 9.31 11.75 4.62
N3 1MA B 60 8.63 12.42 3.71
C4 1MA B 60 9.32 13.45 3.22
#